data_4EVU
#
_entry.id   4EVU
#
_cell.length_a   39.079
_cell.length_b   52.521
_cell.length_c   39.139
_cell.angle_alpha   90.00
_cell.angle_beta   109.38
_cell.angle_gamma   90.00
#
_symmetry.space_group_name_H-M   'P 1 21 1'
#
loop_
_entity.id
_entity.type
_entity.pdbx_description
1 polymer 'Putative periplasmic protein ydgH'
2 non-polymer 'SULFATE ION'
3 non-polymer 'CHLORIDE ION'
4 water water
#
_entity_poly.entity_id   1
_entity_poly.type   'polypeptide(L)'
_entity_poly.pdbx_seq_one_letter_code
;GDGTKVEELNKATAA(MSE)(MSE)VPFDSVKFTGNYGN(MSE)TEISYQVAKRAAKKGAKYYHITRQWQERGNNITISA
DLYK
;
_entity_poly.pdbx_strand_id   A,B
#
# COMPACT_ATOMS: atom_id res chain seq x y z
N LYS A 5 -5.84 9.34 -13.09
CA LYS A 5 -5.53 10.79 -12.99
C LYS A 5 -5.49 11.26 -11.53
N VAL A 6 -6.05 10.49 -10.60
CA VAL A 6 -5.97 10.83 -9.17
C VAL A 6 -4.85 9.98 -8.55
N GLU A 7 -3.77 10.65 -8.18
CA GLU A 7 -2.53 9.97 -7.84
C GLU A 7 -2.12 10.22 -6.40
N GLU A 8 -1.36 9.29 -5.85
CA GLU A 8 -0.85 9.39 -4.50
C GLU A 8 0.49 10.12 -4.49
N LEU A 9 0.54 11.17 -3.71
CA LEU A 9 1.77 11.86 -3.42
C LEU A 9 2.66 11.04 -2.52
N ASN A 10 3.97 11.15 -2.71
CA ASN A 10 4.86 10.66 -1.67
C ASN A 10 4.88 11.59 -0.45
N LYS A 11 5.47 11.14 0.64
N LYS A 11 5.50 11.12 0.62
CA LYS A 11 5.38 11.93 1.88
CA LYS A 11 5.50 11.86 1.88
C LYS A 11 6.16 13.25 1.76
C LYS A 11 6.16 13.23 1.75
N ALA A 12 7.28 13.27 1.06
CA ALA A 12 8.06 14.51 0.93
C ALA A 12 7.27 15.58 0.16
N THR A 13 6.49 15.15 -0.85
CA THR A 13 5.68 16.06 -1.61
C THR A 13 4.51 16.52 -0.77
N ALA A 14 3.81 15.58 -0.16
CA ALA A 14 2.63 15.89 0.65
C ALA A 14 2.98 16.82 1.80
N ALA A 15 4.18 16.67 2.36
CA ALA A 15 4.61 17.47 3.51
C ALA A 15 4.65 18.96 3.24
N VAL A 18 -1.02 21.51 1.83
CA VAL A 18 -2.05 21.60 2.85
C VAL A 18 -3.27 20.81 2.41
N PRO A 19 -3.64 19.72 3.15
CA PRO A 19 -4.82 18.95 2.72
C PRO A 19 -6.12 19.69 3.01
N PHE A 20 -7.16 19.45 2.22
CA PHE A 20 -8.44 20.11 2.43
C PHE A 20 -9.48 19.21 3.14
N ASP A 21 -9.18 17.92 3.22
CA ASP A 21 -10.07 16.95 3.81
C ASP A 21 -9.28 15.64 3.91
N SER A 22 -9.90 14.61 4.46
CA SER A 22 -9.34 13.26 4.47
C SER A 22 -10.45 12.27 4.26
N VAL A 23 -10.05 11.03 3.96
CA VAL A 23 -10.98 9.91 3.87
C VAL A 23 -10.50 8.79 4.77
N LYS A 24 -11.44 8.03 5.31
CA LYS A 24 -11.12 6.96 6.27
C LYS A 24 -12.17 5.91 6.12
N PHE A 25 -11.73 4.67 5.86
CA PHE A 25 -12.64 3.58 5.53
C PHE A 25 -12.03 2.22 5.79
N THR A 26 -12.90 1.22 5.80
CA THR A 26 -12.49 -0.15 6.08
C THR A 26 -13.02 -1.08 5.03
N GLY A 27 -12.23 -2.06 4.63
CA GLY A 27 -12.71 -3.06 3.67
C GLY A 27 -11.74 -4.16 3.38
N ASN A 28 -12.19 -5.12 2.56
CA ASN A 28 -11.43 -6.33 2.23
C ASN A 28 -10.87 -6.20 0.82
N TYR A 29 -9.57 -5.89 0.66
CA TYR A 29 -9.02 -5.57 -0.68
C TYR A 29 -7.93 -6.56 -1.20
N GLY A 30 -7.96 -6.88 -2.51
CA GLY A 30 -7.12 -7.96 -3.08
C GLY A 30 -5.61 -7.75 -3.07
N ASN A 31 -5.17 -6.48 -3.06
CA ASN A 31 -3.76 -6.11 -3.18
C ASN A 31 -3.57 -4.60 -3.07
N THR A 33 -2.71 -2.39 -5.38
CA THR A 33 -3.35 -1.69 -6.49
C THR A 33 -4.84 -1.43 -6.16
N GLU A 34 -5.49 -2.44 -5.57
CA GLU A 34 -6.89 -2.29 -5.17
C GLU A 34 -7.07 -1.27 -4.03
N ILE A 35 -6.16 -1.26 -3.08
CA ILE A 35 -6.26 -0.27 -1.99
C ILE A 35 -6.13 1.13 -2.63
N SER A 36 -5.14 1.31 -3.51
CA SER A 36 -4.94 2.61 -4.14
C SER A 36 -6.20 3.03 -4.91
N TYR A 37 -6.80 2.10 -5.63
CA TYR A 37 -8.03 2.37 -6.36
C TYR A 37 -9.16 2.84 -5.42
N GLN A 38 -9.31 2.16 -4.30
CA GLN A 38 -10.36 2.51 -3.36
C GLN A 38 -10.15 3.91 -2.80
N VAL A 39 -8.90 4.24 -2.50
CA VAL A 39 -8.61 5.58 -2.00
C VAL A 39 -8.88 6.62 -3.09
N ALA A 40 -8.41 6.34 -4.29
CA ALA A 40 -8.53 7.26 -5.42
C ALA A 40 -10.00 7.54 -5.73
N LYS A 41 -10.83 6.49 -5.64
CA LYS A 41 -12.25 6.64 -5.88
C LYS A 41 -12.85 7.63 -4.89
N ARG A 42 -12.55 7.42 -3.60
CA ARG A 42 -13.13 8.29 -2.56
C ARG A 42 -12.57 9.72 -2.69
N ALA A 43 -11.29 9.79 -3.02
CA ALA A 43 -10.63 11.04 -3.29
C ALA A 43 -11.31 11.81 -4.43
N ALA A 44 -11.52 11.12 -5.54
CA ALA A 44 -12.11 11.75 -6.71
C ALA A 44 -13.53 12.24 -6.40
N LYS A 45 -14.27 11.44 -5.62
CA LYS A 45 -15.64 11.81 -5.25
C LYS A 45 -15.71 13.15 -4.53
N LYS A 46 -14.63 13.43 -3.78
CA LYS A 46 -14.51 14.64 -2.98
C LYS A 46 -13.80 15.79 -3.70
N GLY A 47 -13.51 15.65 -4.98
CA GLY A 47 -12.85 16.67 -5.76
C GLY A 47 -11.35 16.83 -5.54
N ALA A 48 -10.70 15.80 -5.02
CA ALA A 48 -9.24 15.86 -4.81
C ALA A 48 -8.57 15.47 -6.13
N LYS A 49 -7.43 16.06 -6.35
CA LYS A 49 -6.57 15.69 -7.48
C LYS A 49 -5.50 14.71 -7.02
N TYR A 50 -5.18 14.74 -5.71
CA TYR A 50 -4.13 13.91 -5.13
C TYR A 50 -4.53 13.48 -3.76
N TYR A 51 -3.86 12.45 -3.27
CA TYR A 51 -4.05 12.01 -1.86
C TYR A 51 -2.70 11.51 -1.34
N HIS A 52 -2.64 11.30 -0.04
CA HIS A 52 -1.50 10.65 0.57
C HIS A 52 -2.01 9.78 1.70
N ILE A 53 -1.72 8.48 1.65
CA ILE A 53 -2.18 7.57 2.71
C ILE A 53 -1.35 7.78 3.95
N THR A 54 -2.04 8.01 5.06
CA THR A 54 -1.42 8.31 6.34
C THR A 54 -1.54 7.20 7.43
N ARG A 55 -2.51 6.29 7.28
CA ARG A 55 -2.69 5.18 8.21
C ARG A 55 -3.15 3.95 7.44
N GLN A 56 -2.63 2.79 7.86
CA GLN A 56 -3.07 1.47 7.42
C GLN A 56 -3.07 0.54 8.64
N TRP A 57 -4.24 0.06 9.00
CA TRP A 57 -4.36 -0.85 10.15
C TRP A 57 -4.92 -2.16 9.76
N GLN A 58 -4.33 -3.20 10.31
CA GLN A 58 -5.00 -4.54 10.39
C GLN A 58 -6.30 -4.51 11.22
N GLU A 59 -7.29 -5.30 10.79
CA GLU A 59 -8.38 -5.70 11.68
C GLU A 59 -9.21 -6.85 11.12
N ASN A 63 -9.97 -7.81 6.35
CA ASN A 63 -10.11 -6.35 6.24
C ASN A 63 -8.90 -5.51 6.63
N ILE A 64 -8.92 -4.27 6.14
CA ILE A 64 -7.94 -3.27 6.48
C ILE A 64 -8.65 -1.93 6.62
N THR A 65 -8.14 -1.09 7.51
CA THR A 65 -8.63 0.29 7.63
C THR A 65 -7.56 1.22 7.11
N ILE A 66 -8.00 2.17 6.27
CA ILE A 66 -7.11 3.10 5.62
C ILE A 66 -7.56 4.55 5.88
N SER A 67 -6.58 5.42 6.14
N SER A 67 -6.63 5.44 6.11
CA SER A 67 -6.82 6.88 6.25
CA SER A 67 -6.99 6.84 6.00
C SER A 67 -5.90 7.61 5.25
C SER A 67 -6.00 7.46 5.05
N ALA A 68 -6.45 8.56 4.46
CA ALA A 68 -5.62 9.33 3.52
C ALA A 68 -6.03 10.80 3.53
N ASP A 69 -5.04 11.68 3.45
CA ASP A 69 -5.30 13.11 3.26
C ASP A 69 -5.55 13.40 1.78
N LEU A 70 -6.41 14.40 1.54
CA LEU A 70 -6.82 14.80 0.19
C LEU A 70 -6.30 16.18 -0.14
N TYR A 71 -5.85 16.34 -1.37
CA TYR A 71 -5.25 17.57 -1.87
C TYR A 71 -5.84 18.00 -3.21
N LYS A 72 -6.00 19.32 -3.36
CA LYS A 72 -6.34 19.93 -4.64
C LYS A 72 -5.08 20.09 -5.52
N LYS B 5 9.05 -9.46 -15.15
CA LYS B 5 9.51 -8.96 -13.82
C LYS B 5 8.66 -9.50 -12.68
N VAL B 6 8.90 -9.00 -11.47
CA VAL B 6 8.18 -9.49 -10.26
C VAL B 6 6.82 -8.83 -10.20
N GLU B 7 5.78 -9.63 -10.01
CA GLU B 7 4.42 -9.12 -10.03
C GLU B 7 3.69 -9.37 -8.70
N GLU B 8 2.88 -8.40 -8.33
CA GLU B 8 2.02 -8.51 -7.19
C GLU B 8 0.77 -9.34 -7.56
N LEU B 9 0.38 -10.27 -6.69
CA LEU B 9 -0.83 -11.06 -6.87
C LEU B 9 -1.96 -10.52 -6.03
N ASN B 10 -3.17 -10.71 -6.51
CA ASN B 10 -4.33 -10.44 -5.70
C ASN B 10 -4.70 -11.66 -4.84
N LYS B 11 -5.64 -11.48 -3.92
CA LYS B 11 -5.98 -12.51 -2.95
C LYS B 11 -6.41 -13.82 -3.64
N ALA B 12 -7.30 -13.73 -4.62
CA ALA B 12 -7.86 -14.96 -5.21
C ALA B 12 -6.79 -15.71 -5.97
N THR B 13 -5.90 -14.98 -6.64
CA THR B 13 -4.83 -15.65 -7.39
C THR B 13 -3.86 -16.32 -6.39
N ALA B 14 -3.44 -15.59 -5.36
CA ALA B 14 -2.50 -16.13 -4.37
C ALA B 14 -3.08 -17.33 -3.64
N ALA B 15 -4.40 -17.32 -3.47
CA ALA B 15 -5.05 -18.36 -2.66
C ALA B 15 -4.89 -19.75 -3.26
N VAL B 18 1.07 -21.82 -3.76
CA VAL B 18 1.77 -22.23 -2.56
C VAL B 18 3.09 -21.44 -2.48
N PRO B 19 3.28 -20.57 -1.45
CA PRO B 19 4.48 -19.78 -1.36
C PRO B 19 5.64 -20.61 -0.85
N PHE B 20 6.84 -20.14 -1.12
CA PHE B 20 8.06 -20.81 -0.68
C PHE B 20 8.83 -20.10 0.42
N ASP B 21 8.46 -18.86 0.68
CA ASP B 21 9.16 -18.02 1.65
C ASP B 21 8.32 -16.76 1.85
N SER B 22 8.78 -15.87 2.74
N SER B 22 8.76 -15.87 2.73
CA SER B 22 8.15 -14.58 2.98
CA SER B 22 8.16 -14.55 2.83
C SER B 22 9.23 -13.52 3.18
C SER B 22 9.23 -13.51 3.14
N VAL B 23 8.86 -12.25 2.98
CA VAL B 23 9.72 -11.13 3.37
C VAL B 23 8.89 -10.33 4.43
N LYS B 24 9.61 -9.82 5.42
CA LYS B 24 8.99 -9.03 6.48
C LYS B 24 9.98 -7.99 6.92
N PHE B 25 9.58 -6.74 6.87
CA PHE B 25 10.49 -5.65 7.15
C PHE B 25 9.73 -4.37 7.49
N THR B 26 10.47 -3.40 8.01
CA THR B 26 9.95 -2.06 8.30
C THR B 26 10.81 -1.06 7.58
N GLY B 27 10.17 -0.07 6.95
CA GLY B 27 10.88 1.03 6.33
C GLY B 27 10.00 2.21 6.02
N ASN B 28 10.58 3.22 5.36
N ASN B 28 10.55 3.18 5.33
CA ASN B 28 9.83 4.36 4.82
CA ASN B 28 9.82 4.36 4.94
C ASN B 28 8.66 3.86 4.01
C ASN B 28 8.74 4.05 3.89
N TYR B 29 7.53 4.53 4.14
CA TYR B 29 6.38 4.23 3.30
C TYR B 29 6.51 4.92 1.93
N GLY B 30 6.53 6.24 1.95
CA GLY B 30 6.58 7.09 0.77
C GLY B 30 5.21 7.19 0.14
N ASN B 31 4.86 6.14 -0.60
CA ASN B 31 3.56 5.93 -1.17
C ASN B 31 3.46 4.44 -1.56
N THR B 33 3.32 2.99 -4.41
CA THR B 33 4.26 2.65 -5.50
C THR B 33 5.65 2.41 -4.91
N GLU B 34 6.11 3.30 -4.05
CA GLU B 34 7.44 3.19 -3.47
C GLU B 34 7.59 1.96 -2.55
N ILE B 35 6.58 1.68 -1.72
CA ILE B 35 6.63 0.49 -0.89
C ILE B 35 6.52 -0.81 -1.70
N SER B 36 5.69 -0.83 -2.75
CA SER B 36 5.61 -1.98 -3.62
C SER B 36 6.94 -2.28 -4.27
N TYR B 37 7.66 -1.24 -4.67
CA TYR B 37 8.99 -1.39 -5.21
C TYR B 37 9.95 -2.06 -4.20
N GLN B 38 9.88 -1.66 -2.94
CA GLN B 38 10.72 -2.26 -1.91
C GLN B 38 10.38 -3.71 -1.72
N VAL B 39 9.10 -4.05 -1.68
CA VAL B 39 8.70 -5.45 -1.57
C VAL B 39 9.16 -6.26 -2.78
N ALA B 40 8.96 -5.72 -3.98
CA ALA B 40 9.35 -6.41 -5.23
C ALA B 40 10.85 -6.67 -5.26
N LYS B 41 11.64 -5.69 -4.82
CA LYS B 41 13.11 -5.82 -4.78
C LYS B 41 13.53 -6.96 -3.84
N ARG B 42 12.91 -7.05 -2.69
CA ARG B 42 13.23 -8.09 -1.73
C ARG B 42 12.78 -9.45 -2.23
N ALA B 43 11.65 -9.46 -2.92
CA ALA B 43 11.15 -10.68 -3.54
C ALA B 43 12.13 -11.17 -4.60
N ALA B 44 12.56 -10.24 -5.45
CA ALA B 44 13.51 -10.59 -6.51
C ALA B 44 14.79 -11.15 -5.90
N LYS B 45 15.28 -10.57 -4.82
CA LYS B 45 16.54 -11.04 -4.23
C LYS B 45 16.43 -12.50 -3.76
N LYS B 46 15.22 -12.91 -3.36
CA LYS B 46 14.97 -14.29 -2.89
C LYS B 46 14.53 -15.26 -3.98
N GLY B 47 14.54 -14.81 -5.23
CA GLY B 47 14.17 -15.68 -6.33
C GLY B 47 12.72 -15.81 -6.68
N ALA B 48 11.87 -14.90 -6.20
CA ALA B 48 10.44 -15.02 -6.41
C ALA B 48 10.10 -14.34 -7.72
N LYS B 49 9.07 -14.85 -8.38
CA LYS B 49 8.45 -14.20 -9.53
C LYS B 49 7.19 -13.42 -9.13
N TYR B 50 6.59 -13.73 -7.99
CA TYR B 50 5.35 -13.10 -7.54
C TYR B 50 5.42 -12.91 -6.04
N TYR B 51 4.65 -11.95 -5.54
CA TYR B 51 4.45 -11.80 -4.11
C TYR B 51 3.00 -11.44 -3.81
N HIS B 52 2.59 -11.66 -2.57
CA HIS B 52 1.28 -11.27 -2.10
C HIS B 52 1.43 -10.73 -0.69
N ILE B 53 1.04 -9.45 -0.50
CA ILE B 53 1.13 -8.83 0.81
C ILE B 53 0.12 -9.49 1.76
N THR B 54 0.63 -9.93 2.91
CA THR B 54 -0.17 -10.60 3.93
C THR B 54 -0.46 -9.74 5.16
N ARG B 55 0.41 -8.79 5.48
CA ARG B 55 0.23 -7.89 6.60
C ARG B 55 0.78 -6.52 6.28
N GLN B 56 0.14 -5.47 6.77
CA GLN B 56 0.65 -4.12 6.69
C GLN B 56 0.20 -3.29 7.88
N TRP B 57 1.13 -2.57 8.45
CA TRP B 57 0.83 -1.66 9.55
C TRP B 57 1.53 -0.34 9.27
N GLN B 58 0.75 0.73 9.17
CA GLN B 58 1.29 2.10 9.05
C GLN B 58 0.51 2.94 10.07
N GLU B 59 1.09 3.16 11.22
CA GLU B 59 0.28 3.66 12.35
C GLU B 59 0.68 5.05 12.76
N ARG B 60 1.83 5.50 12.30
CA ARG B 60 2.25 6.83 12.67
C ARG B 60 2.73 7.63 11.45
N GLY B 61 2.20 7.30 10.26
CA GLY B 61 2.39 8.08 9.03
C GLY B 61 3.81 8.42 8.59
N ASN B 62 4.77 7.58 8.97
CA ASN B 62 6.17 7.67 8.53
C ASN B 62 6.66 6.30 8.00
N ASN B 63 6.73 5.32 8.89
CA ASN B 63 7.21 4.00 8.53
C ASN B 63 6.02 3.07 8.37
N ILE B 64 6.27 2.01 7.62
CA ILE B 64 5.29 0.93 7.40
C ILE B 64 6.02 -0.39 7.66
N THR B 65 5.34 -1.33 8.31
CA THR B 65 5.81 -2.70 8.50
C THR B 65 4.96 -3.56 7.61
N ILE B 66 5.62 -4.40 6.81
CA ILE B 66 4.96 -5.18 5.80
C ILE B 66 5.47 -6.58 5.82
N SER B 67 4.56 -7.51 5.50
CA SER B 67 5.01 -8.84 5.15
C SER B 67 4.30 -9.29 3.88
N ALA B 68 4.98 -10.16 3.14
CA ALA B 68 4.50 -10.72 1.89
C ALA B 68 4.97 -12.14 1.68
N ASP B 69 4.05 -12.97 1.25
CA ASP B 69 4.38 -14.33 0.81
C ASP B 69 5.03 -14.22 -0.59
N LEU B 70 6.02 -15.09 -0.82
CA LEU B 70 6.74 -15.19 -2.08
C LEU B 70 6.41 -16.46 -2.84
N TYR B 71 6.35 -16.35 -4.17
CA TYR B 71 6.00 -17.46 -5.06
C TYR B 71 6.96 -17.53 -6.25
N LYS B 72 7.23 -18.77 -6.64
CA LYS B 72 7.93 -19.05 -7.88
C LYS B 72 6.99 -18.93 -9.08
#